data_7PN6
#
_entry.id   7PN6
#
_cell.length_a   51.205
_cell.length_b   57.908
_cell.length_c   61.121
_cell.angle_alpha   90.000
_cell.angle_beta   109.460
_cell.angle_gamma   90.000
#
_symmetry.space_group_name_H-M   'P 1 21 1'
#
loop_
_entity.id
_entity.type
_entity.pdbx_description
1 polymer 'Aromatic peroxygenase'
2 non-polymer 'MYRISTIC ACID'
3 non-polymer 'MAGNESIUM ION'
4 non-polymer 'CHLORIDE ION'
5 non-polymer 2-acetamido-2-deoxy-beta-D-glucopyranose
6 non-polymer 'PHOSPHATE ION'
7 non-polymer 'PROTOPORPHYRIN IX CONTAINING FE'
8 water water
#
_entity_poly.entity_id   1
_entity_poly.type   'polypeptide(L)'
_entity_poly.pdbx_seq_one_letter_code
;EPGLPPGPLENSSAKLVNDEAHPWKPLRPGDIRGPCPGLNTLASHGYLPRNGVATPAQIINAVQEGFNFDNQAAIFLTYA
AHLVDGNLITDLLSIGRKTRLTGPDPPPPASVGGLNEHGTFEGDASMTRGDAFFGNNHDFNETLFEQLVDYSNRFGGGKY
NLTVAGELRFKRIQDSIATNPNFSFVDFRFFTAYGETTFPANLFVDGRRDDGQLDMDAARSFFQFSRMPDDFFRAPSPRS
GTGVEVVVQAHPMQPGRNVGKINSYTVDPTSSDFSTPCLMYEKFVNITVKSLYPNPTVQLRKALNTNLDFLFQGVAAGCT
QVFPYGRD
;
_entity_poly.pdbx_strand_id   A
#
# COMPACT_ATOMS: atom_id res chain seq x y z
N GLY A 3 -0.98 6.22 19.76
CA GLY A 3 -2.05 5.32 20.31
C GLY A 3 -1.66 3.86 20.15
N LEU A 4 -2.25 2.93 20.91
CA LEU A 4 -1.90 1.49 20.75
C LEU A 4 -2.51 0.98 19.45
N PRO A 5 -1.87 0.03 18.73
CA PRO A 5 -2.50 -0.57 17.56
C PRO A 5 -3.82 -1.20 17.96
N PRO A 6 -4.91 -0.93 17.23
CA PRO A 6 -6.15 -1.67 17.41
C PRO A 6 -5.98 -3.17 17.27
N GLY A 7 -6.85 -3.93 17.95
CA GLY A 7 -6.95 -5.38 17.80
C GLY A 7 -7.85 -5.73 16.62
N PRO A 8 -7.99 -7.04 16.35
CA PRO A 8 -8.85 -7.51 15.30
C PRO A 8 -10.32 -7.18 15.58
N LEU A 9 -11.14 -7.26 14.55
CA LEU A 9 -12.60 -7.05 14.71
C LEU A 9 -13.17 -8.07 15.68
N GLU A 10 -14.08 -7.63 16.53
CA GLU A 10 -14.85 -8.55 17.40
C GLU A 10 -15.81 -9.36 16.51
N ASN A 11 -16.38 -8.72 15.49
CA ASN A 11 -17.37 -9.33 14.58
C ASN A 11 -16.90 -9.08 13.16
N SER A 12 -16.34 -10.10 12.51
CA SER A 12 -15.75 -9.96 11.15
C SER A 12 -16.69 -10.47 10.06
N SER A 13 -17.99 -10.51 10.29
CA SER A 13 -18.98 -10.95 9.27
C SER A 13 -19.01 -9.95 8.11
N ALA A 14 -19.43 -10.41 6.94
CA ALA A 14 -19.81 -9.50 5.84
C ALA A 14 -20.94 -8.59 6.32
N LYS A 15 -20.90 -7.32 5.94
CA LYS A 15 -22.02 -6.40 6.23
C LYS A 15 -21.95 -5.23 5.27
N LEU A 16 -23.06 -4.52 5.14
CA LEU A 16 -23.08 -3.30 4.32
C LEU A 16 -22.10 -2.28 4.92
N VAL A 17 -21.16 -1.82 4.11
CA VAL A 17 -20.23 -0.77 4.59
C VAL A 17 -20.49 0.53 3.84
N ASN A 18 -21.22 0.48 2.73
CA ASN A 18 -21.69 1.72 2.08
C ASN A 18 -23.05 2.03 2.71
N ASP A 19 -23.00 2.49 3.97
CA ASP A 19 -24.23 2.65 4.79
C ASP A 19 -24.51 4.12 5.08
N GLU A 20 -25.60 4.41 5.80
CA GLU A 20 -26.05 5.81 6.01
C GLU A 20 -24.97 6.62 6.73
N ALA A 21 -24.21 6.00 7.62
CA ALA A 21 -23.18 6.70 8.42
C ALA A 21 -21.91 6.93 7.59
N HIS A 22 -21.77 6.27 6.44
CA HIS A 22 -20.52 6.35 5.63
C HIS A 22 -20.84 6.59 4.16
N PRO A 23 -21.51 7.71 3.81
CA PRO A 23 -21.81 8.01 2.43
C PRO A 23 -20.56 8.52 1.69
N TRP A 24 -20.51 8.25 0.41
CA TRP A 24 -19.48 8.81 -0.48
C TRP A 24 -19.75 10.32 -0.56
N LYS A 25 -18.71 11.12 -0.48
CA LYS A 25 -18.80 12.55 -0.77
C LYS A 25 -17.61 12.90 -1.65
N PRO A 26 -17.80 13.90 -2.53
CA PRO A 26 -16.75 14.42 -3.38
C PRO A 26 -15.71 15.17 -2.54
N LEU A 27 -14.56 15.39 -3.16
CA LEU A 27 -13.48 16.11 -2.47
C LEU A 27 -13.88 17.57 -2.31
N ARG A 28 -13.50 18.13 -1.17
CA ARG A 28 -13.54 19.59 -0.91
C ARG A 28 -12.14 20.14 -1.19
N PRO A 29 -11.97 21.45 -1.42
CA PRO A 29 -10.62 22.00 -1.51
C PRO A 29 -9.78 21.61 -0.28
N GLY A 30 -8.55 21.18 -0.54
CA GLY A 30 -7.60 20.78 0.51
C GLY A 30 -7.69 19.31 0.84
N ASP A 31 -8.74 18.60 0.40
CA ASP A 31 -8.84 17.15 0.75
C ASP A 31 -7.74 16.41 -0.03
N ILE A 32 -7.10 15.47 0.63
CA ILE A 32 -5.92 14.77 0.07
C ILE A 32 -6.31 13.33 -0.26
N ARG A 33 -5.99 12.95 -1.48
CA ARG A 33 -6.06 11.54 -1.91
C ARG A 33 -4.74 11.20 -2.56
N GLY A 34 -4.38 9.92 -2.53
CA GLY A 34 -3.03 9.49 -2.87
C GLY A 34 -3.04 8.24 -3.74
N PRO A 35 -1.96 7.45 -3.68
CA PRO A 35 -1.77 6.32 -4.59
C PRO A 35 -2.53 5.06 -4.19
N CYS A 36 -3.16 5.05 -3.01
CA CYS A 36 -3.82 3.83 -2.48
C CYS A 36 -5.33 3.95 -2.64
N PRO A 37 -5.94 3.17 -3.54
CA PRO A 37 -7.39 3.25 -3.72
C PRO A 37 -8.18 2.76 -2.49
N GLY A 38 -7.58 1.91 -1.66
CA GLY A 38 -8.25 1.45 -0.44
C GLY A 38 -8.40 2.58 0.57
N LEU A 39 -7.28 3.21 0.94
CA LEU A 39 -7.34 4.34 1.87
C LEU A 39 -8.15 5.49 1.27
N ASN A 40 -7.96 5.76 -0.01
CA ASN A 40 -8.73 6.83 -0.66
C ASN A 40 -10.22 6.61 -0.48
N THR A 41 -10.69 5.38 -0.66
CA THR A 41 -12.13 5.04 -0.59
C THR A 41 -12.60 5.19 0.86
N LEU A 42 -11.80 4.74 1.80
CA LEU A 42 -12.16 4.88 3.23
C LEU A 42 -12.26 6.38 3.60
N ALA A 43 -11.36 7.23 3.12
CA ALA A 43 -11.48 8.68 3.37
C ALA A 43 -12.76 9.22 2.71
N SER A 44 -13.06 8.82 1.48
CA SER A 44 -14.19 9.38 0.71
C SER A 44 -15.53 8.85 1.22
N HIS A 45 -15.53 7.85 2.11
CA HIS A 45 -16.75 7.36 2.82
C HIS A 45 -16.72 7.74 4.30
N GLY A 46 -15.73 8.49 4.78
CA GLY A 46 -15.69 8.95 6.17
C GLY A 46 -15.35 7.85 7.16
N TYR A 47 -14.80 6.71 6.71
CA TYR A 47 -14.16 5.74 7.63
C TYR A 47 -12.84 6.30 8.17
N LEU A 48 -12.18 7.12 7.36
CA LEU A 48 -11.06 7.99 7.74
C LEU A 48 -11.53 9.43 7.68
N PRO A 49 -10.82 10.36 8.33
CA PRO A 49 -11.07 11.79 8.12
C PRO A 49 -11.10 12.08 6.62
N ARG A 50 -12.09 12.86 6.20
CA ARG A 50 -12.36 13.06 4.77
C ARG A 50 -11.27 13.94 4.14
N ASN A 51 -10.45 14.63 4.92
CA ASN A 51 -9.35 15.42 4.34
C ASN A 51 -8.10 14.56 4.08
N GLY A 52 -8.13 13.27 4.41
CA GLY A 52 -7.03 12.37 4.05
C GLY A 52 -5.83 12.50 4.97
N VAL A 53 -6.00 13.03 6.18
CA VAL A 53 -4.90 13.00 7.19
C VAL A 53 -5.41 12.22 8.40
N ALA A 54 -4.68 11.21 8.83
CA ALA A 54 -5.18 10.28 9.86
C ALA A 54 -4.07 9.82 10.78
N THR A 55 -4.45 9.30 11.95
CA THR A 55 -3.52 8.58 12.84
C THR A 55 -3.40 7.13 12.38
N PRO A 56 -2.29 6.46 12.73
CA PRO A 56 -2.15 5.03 12.45
C PRO A 56 -3.35 4.23 12.98
N ALA A 57 -3.82 4.54 14.18
CA ALA A 57 -4.93 3.78 14.79
C ALA A 57 -6.19 4.01 13.96
N GLN A 58 -6.41 5.22 13.45
CA GLN A 58 -7.58 5.48 12.57
C GLN A 58 -7.46 4.64 11.31
N ILE A 59 -6.27 4.56 10.74
CA ILE A 59 -6.09 3.80 9.48
C ILE A 59 -6.37 2.32 9.74
N ILE A 60 -5.83 1.78 10.81
CA ILE A 60 -6.02 0.33 11.12
C ILE A 60 -7.50 0.04 11.36
N ASN A 61 -8.17 0.86 12.15
CA ASN A 61 -9.62 0.69 12.37
C ASN A 61 -10.37 0.79 11.05
N ALA A 62 -10.02 1.72 10.16
CA ALA A 62 -10.79 1.95 8.93
C ALA A 62 -10.62 0.75 7.99
N VAL A 63 -9.39 0.23 7.82
CA VAL A 63 -9.19 -0.86 6.83
C VAL A 63 -9.89 -2.13 7.33
N GLN A 64 -9.95 -2.30 8.64
CA GLN A 64 -10.63 -3.48 9.23
C GLN A 64 -12.14 -3.30 9.07
N GLU A 65 -12.66 -2.17 9.54
N GLU A 65 -12.67 -2.18 9.56
CA GLU A 65 -14.13 -1.97 9.57
CA GLU A 65 -14.13 -1.92 9.57
C GLU A 65 -14.68 -1.89 8.13
C GLU A 65 -14.68 -1.88 8.14
N GLY A 66 -14.01 -1.13 7.25
CA GLY A 66 -14.53 -0.86 5.91
C GLY A 66 -14.33 -2.04 4.96
N PHE A 67 -13.21 -2.75 5.06
CA PHE A 67 -12.83 -3.78 4.06
C PHE A 67 -12.54 -5.15 4.66
N ASN A 68 -12.51 -5.30 5.98
CA ASN A 68 -12.12 -6.61 6.60
C ASN A 68 -10.67 -6.92 6.23
N PHE A 69 -9.82 -5.91 6.16
CA PHE A 69 -8.36 -6.16 6.04
C PHE A 69 -7.91 -6.81 7.34
N ASP A 70 -7.02 -7.79 7.27
CA ASP A 70 -6.64 -8.49 8.52
C ASP A 70 -5.69 -7.64 9.38
N ASN A 71 -5.75 -7.90 10.68
CA ASN A 71 -5.06 -7.09 11.69
C ASN A 71 -3.54 -7.07 11.47
N GLN A 72 -2.92 -8.22 11.29
CA GLN A 72 -1.45 -8.25 11.19
C GLN A 72 -1.01 -7.43 9.95
N ALA A 73 -1.69 -7.61 8.84
CA ALA A 73 -1.34 -6.88 7.60
C ALA A 73 -1.60 -5.39 7.81
N ALA A 74 -2.72 -5.04 8.43
CA ALA A 74 -3.06 -3.64 8.72
C ALA A 74 -1.95 -3.00 9.56
N ILE A 75 -1.50 -3.68 10.61
CA ILE A 75 -0.44 -3.14 11.51
C ILE A 75 0.86 -2.98 10.70
N PHE A 76 1.28 -4.02 9.97
CA PHE A 76 2.58 -3.96 9.26
C PHE A 76 2.58 -2.77 8.30
N LEU A 77 1.57 -2.70 7.42
CA LEU A 77 1.61 -1.68 6.35
C LEU A 77 1.46 -0.29 6.97
N THR A 78 0.60 -0.13 7.97
CA THR A 78 0.30 1.22 8.51
C THR A 78 1.54 1.79 9.21
N TYR A 79 2.18 0.97 10.05
CA TYR A 79 3.35 1.49 10.80
C TYR A 79 4.52 1.63 9.84
N ALA A 80 4.64 0.78 8.82
CA ALA A 80 5.72 0.99 7.83
C ALA A 80 5.53 2.34 7.15
N ALA A 81 4.31 2.59 6.67
CA ALA A 81 4.01 3.87 6.01
C ALA A 81 4.28 5.04 6.99
N HIS A 82 3.79 4.93 8.21
CA HIS A 82 3.92 6.06 9.16
C HIS A 82 5.39 6.36 9.47
N LEU A 83 6.18 5.32 9.70
CA LEU A 83 7.62 5.50 9.99
C LEU A 83 8.31 6.29 8.89
N VAL A 84 8.01 5.98 7.62
CA VAL A 84 8.80 6.61 6.53
C VAL A 84 8.11 7.87 5.99
N ASP A 85 6.79 8.01 6.16
CA ASP A 85 6.02 9.09 5.48
C ASP A 85 5.23 9.97 6.45
N GLY A 86 5.06 9.53 7.69
CA GLY A 86 4.23 10.22 8.69
C GLY A 86 5.04 11.04 9.68
N ASN A 87 4.34 11.83 10.46
CA ASN A 87 4.94 12.65 11.52
C ASN A 87 4.86 11.88 12.82
N LEU A 88 6.00 11.44 13.33
CA LEU A 88 6.03 10.54 14.49
C LEU A 88 5.71 11.29 15.79
N ILE A 89 5.88 12.61 15.81
CA ILE A 89 5.60 13.41 17.04
C ILE A 89 4.11 13.72 17.10
N THR A 90 3.49 14.12 16.00
CA THR A 90 2.04 14.46 16.01
C THR A 90 1.17 13.20 15.82
N ASP A 91 1.77 12.11 15.37
CA ASP A 91 1.08 10.81 15.12
C ASP A 91 0.12 10.95 13.94
N LEU A 92 0.47 11.74 12.94
CA LEU A 92 -0.40 11.96 11.76
C LEU A 92 0.32 11.57 10.48
N LEU A 93 -0.46 11.03 9.54
CA LEU A 93 0.03 10.59 8.22
C LEU A 93 -0.94 11.10 7.16
N SER A 94 -0.40 11.68 6.10
CA SER A 94 -1.19 12.04 4.91
C SER A 94 -1.28 10.82 4.00
N ILE A 95 -2.47 10.52 3.51
CA ILE A 95 -2.61 9.41 2.55
C ILE A 95 -2.24 9.86 1.14
N GLY A 96 -1.73 11.07 0.96
CA GLY A 96 -1.33 11.53 -0.36
C GLY A 96 -0.16 12.48 -0.24
N ARG A 97 -0.36 13.72 -0.67
CA ARG A 97 0.71 14.73 -0.76
CA ARG A 97 0.73 14.71 -0.76
C ARG A 97 1.20 15.17 0.62
N LYS A 98 2.40 15.71 0.62
CA LYS A 98 2.94 16.37 1.82
C LYS A 98 2.01 17.54 2.16
N THR A 99 1.79 17.73 3.45
CA THR A 99 0.86 18.77 3.95
C THR A 99 1.37 19.32 5.27
N ARG A 100 1.09 20.61 5.48
CA ARG A 100 1.34 21.26 6.77
C ARG A 100 0.42 20.67 7.83
N LEU A 101 -0.66 19.98 7.44
CA LEU A 101 -1.62 19.46 8.43
C LEU A 101 -1.05 18.30 9.24
N THR A 102 0.11 17.73 8.88
CA THR A 102 0.74 16.69 9.72
C THR A 102 1.60 17.34 10.80
N GLY A 103 1.75 18.65 10.79
CA GLY A 103 2.36 19.40 11.91
C GLY A 103 3.81 19.77 11.64
N PRO A 104 4.51 20.31 12.66
CA PRO A 104 5.88 20.76 12.50
C PRO A 104 6.78 19.58 12.10
N ASP A 105 7.62 19.78 11.09
CA ASP A 105 8.45 18.71 10.50
C ASP A 105 9.65 18.39 11.38
N PRO A 106 10.12 17.13 11.35
CA PRO A 106 11.40 16.76 11.95
C PRO A 106 12.52 17.30 11.08
N PRO A 107 13.78 17.22 11.53
CA PRO A 107 14.87 17.73 10.73
C PRO A 107 15.13 16.87 9.51
N PRO A 108 15.70 17.46 8.44
CA PRO A 108 16.23 16.68 7.33
C PRO A 108 17.22 15.67 7.91
N PRO A 109 17.39 14.48 7.32
CA PRO A 109 16.80 14.12 6.03
C PRO A 109 15.41 13.46 5.98
N ALA A 110 14.68 13.45 7.09
CA ALA A 110 13.29 12.91 7.09
C ALA A 110 12.44 13.84 6.25
N SER A 111 11.53 13.32 5.43
CA SER A 111 10.73 14.15 4.48
C SER A 111 9.28 14.32 4.93
N VAL A 112 8.69 13.39 5.71
CA VAL A 112 7.26 13.40 6.14
C VAL A 112 6.43 13.81 4.91
N GLY A 113 6.60 13.04 3.83
CA GLY A 113 6.08 13.41 2.52
C GLY A 113 4.73 12.84 2.21
N GLY A 114 4.09 12.16 3.14
CA GLY A 114 2.83 11.50 2.83
C GLY A 114 3.05 10.23 2.01
N LEU A 115 1.97 9.54 1.71
CA LEU A 115 2.09 8.32 0.90
C LEU A 115 2.52 8.64 -0.53
N ASN A 116 2.39 9.88 -1.00
CA ASN A 116 2.89 10.26 -2.34
C ASN A 116 4.42 10.21 -2.42
N GLU A 117 5.14 10.15 -1.31
CA GLU A 117 6.61 10.22 -1.38
C GLU A 117 7.15 9.01 -2.13
N HIS A 118 7.85 9.23 -3.24
CA HIS A 118 8.40 8.11 -4.01
C HIS A 118 9.56 7.44 -3.30
N GLY A 119 9.55 6.12 -3.28
CA GLY A 119 10.77 5.37 -2.91
C GLY A 119 10.82 5.00 -1.44
N THR A 120 9.85 5.45 -0.66
CA THR A 120 9.73 5.06 0.77
C THR A 120 8.77 3.89 0.84
N PHE A 121 7.49 4.13 0.59
CA PHE A 121 6.48 3.05 0.47
C PHE A 121 6.06 2.96 -1.00
N GLU A 122 5.54 4.05 -1.55
CA GLU A 122 5.11 4.13 -2.97
C GLU A 122 6.29 3.76 -3.89
N GLY A 123 5.98 3.05 -4.97
CA GLY A 123 7.00 2.83 -5.98
C GLY A 123 6.48 2.39 -7.31
N ASP A 124 7.40 1.93 -8.14
CA ASP A 124 7.20 1.79 -9.59
C ASP A 124 6.33 0.56 -9.88
N ALA A 125 5.90 0.48 -11.14
CA ALA A 125 5.11 -0.64 -11.71
C ALA A 125 3.81 -0.80 -10.93
N SER A 126 3.22 0.33 -10.55
CA SER A 126 1.83 0.38 -10.05
C SER A 126 0.87 0.05 -11.21
N MET A 127 -0.32 -0.45 -10.88
CA MET A 127 -1.28 -0.89 -11.90
C MET A 127 -1.99 0.28 -12.56
N THR A 128 -2.43 1.25 -11.78
CA THR A 128 -3.32 2.33 -12.30
C THR A 128 -2.69 3.70 -12.11
N ARG A 129 -1.50 3.76 -11.56
CA ARG A 129 -0.70 5.00 -11.33
C ARG A 129 0.60 4.86 -12.10
N GLY A 130 1.06 5.97 -12.67
CA GLY A 130 2.36 5.99 -13.35
C GLY A 130 3.56 6.03 -12.41
N ASP A 131 4.71 5.60 -12.93
CA ASP A 131 5.98 5.70 -12.19
C ASP A 131 6.29 7.17 -11.93
N ALA A 132 6.94 7.45 -10.82
CA ALA A 132 7.27 8.84 -10.44
C ALA A 132 8.13 9.50 -11.53
N PHE A 133 8.98 8.75 -12.23
CA PHE A 133 9.84 9.32 -13.31
C PHE A 133 8.99 10.01 -14.39
N PHE A 134 7.77 9.55 -14.60
CA PHE A 134 6.90 10.09 -15.66
C PHE A 134 6.07 11.26 -15.15
N GLY A 135 6.24 11.71 -13.89
CA GLY A 135 5.69 13.01 -13.45
C GLY A 135 4.56 12.93 -12.44
N ASN A 136 3.94 11.76 -12.27
CA ASN A 136 2.76 11.68 -11.37
C ASN A 136 2.58 10.27 -10.84
N ASN A 137 2.95 10.06 -9.59
CA ASN A 137 2.89 8.69 -9.01
C ASN A 137 1.61 8.45 -8.22
N HIS A 138 0.61 9.34 -8.27
CA HIS A 138 -0.54 9.23 -7.34
C HIS A 138 -1.90 9.31 -8.00
N ASP A 139 -2.04 10.03 -9.11
CA ASP A 139 -3.38 10.21 -9.68
C ASP A 139 -3.76 8.96 -10.46
N PHE A 140 -5.05 8.67 -10.47
CA PHE A 140 -5.59 7.64 -11.37
C PHE A 140 -5.22 7.98 -12.82
N ASN A 141 -4.80 6.96 -13.55
CA ASN A 141 -4.38 7.09 -14.96
C ASN A 141 -5.33 6.26 -15.85
N GLU A 142 -6.09 6.92 -16.71
CA GLU A 142 -7.13 6.26 -17.54
C GLU A 142 -6.48 5.27 -18.51
N THR A 143 -5.36 5.60 -19.14
CA THR A 143 -4.68 4.68 -20.07
C THR A 143 -4.29 3.39 -19.33
N LEU A 144 -3.70 3.51 -18.14
CA LEU A 144 -3.29 2.33 -17.37
C LEU A 144 -4.52 1.55 -16.94
N PHE A 145 -5.58 2.23 -16.54
CA PHE A 145 -6.82 1.52 -16.15
C PHE A 145 -7.37 0.78 -17.37
N GLU A 146 -7.29 1.36 -18.57
CA GLU A 146 -7.83 0.68 -19.76
C GLU A 146 -6.98 -0.57 -20.05
N GLN A 147 -5.70 -0.56 -19.72
CA GLN A 147 -4.83 -1.75 -19.85
C GLN A 147 -5.31 -2.80 -18.84
N LEU A 148 -5.62 -2.39 -17.62
CA LEU A 148 -6.20 -3.34 -16.64
C LEU A 148 -7.49 -3.95 -17.20
N VAL A 149 -8.38 -3.16 -17.79
CA VAL A 149 -9.64 -3.68 -18.38
C VAL A 149 -9.27 -4.67 -19.49
N ASP A 150 -8.33 -4.33 -20.36
CA ASP A 150 -7.93 -5.23 -21.46
C ASP A 150 -7.40 -6.55 -20.90
N TYR A 151 -6.55 -6.50 -19.89
CA TYR A 151 -5.98 -7.73 -19.29
C TYR A 151 -7.11 -8.53 -18.62
N SER A 152 -8.10 -7.87 -18.05
CA SER A 152 -9.28 -8.52 -17.45
C SER A 152 -10.11 -9.21 -18.55
N ASN A 153 -10.26 -8.55 -19.68
CA ASN A 153 -10.98 -9.17 -20.82
C ASN A 153 -10.21 -10.37 -21.37
N ARG A 154 -8.88 -10.33 -21.39
CA ARG A 154 -8.06 -11.40 -22.04
C ARG A 154 -7.87 -12.59 -21.08
N PHE A 155 -7.71 -12.34 -19.77
CA PHE A 155 -7.29 -13.41 -18.83
C PHE A 155 -8.34 -13.67 -17.77
N GLY A 156 -9.38 -12.84 -17.66
CA GLY A 156 -10.36 -12.97 -16.56
C GLY A 156 -11.79 -13.04 -17.02
N GLY A 157 -12.03 -13.27 -18.30
CA GLY A 157 -13.41 -13.29 -18.82
C GLY A 157 -14.13 -11.97 -18.56
N GLY A 158 -13.40 -10.87 -18.49
CA GLY A 158 -14.04 -9.57 -18.28
C GLY A 158 -13.90 -9.10 -16.86
N LYS A 159 -13.45 -9.98 -15.96
CA LYS A 159 -13.29 -9.62 -14.53
C LYS A 159 -11.82 -9.64 -14.15
N TYR A 160 -11.49 -8.89 -13.11
CA TYR A 160 -10.13 -8.93 -12.53
C TYR A 160 -10.09 -10.06 -11.53
N ASN A 161 -9.15 -10.99 -11.70
CA ASN A 161 -8.94 -12.08 -10.74
C ASN A 161 -7.44 -12.33 -10.61
N LEU A 162 -7.03 -13.30 -9.82
CA LEU A 162 -5.59 -13.51 -9.59
C LEU A 162 -4.84 -13.89 -10.88
N THR A 163 -5.48 -14.53 -11.84
CA THR A 163 -4.83 -14.85 -13.13
C THR A 163 -4.51 -13.53 -13.85
N VAL A 164 -5.47 -12.61 -13.85
CA VAL A 164 -5.24 -11.29 -14.47
C VAL A 164 -4.11 -10.58 -13.74
N ALA A 165 -4.17 -10.58 -12.42
CA ALA A 165 -3.13 -9.96 -11.55
C ALA A 165 -1.74 -10.47 -11.97
N GLY A 166 -1.60 -11.78 -12.13
CA GLY A 166 -0.30 -12.36 -12.49
C GLY A 166 0.21 -11.82 -13.81
N GLU A 167 -0.67 -11.68 -14.78
CA GLU A 167 -0.25 -11.20 -16.12
C GLU A 167 0.03 -9.70 -16.08
N LEU A 168 -0.86 -8.94 -15.44
CA LEU A 168 -0.74 -7.46 -15.42
C LEU A 168 0.52 -7.07 -14.63
N ARG A 169 0.72 -7.69 -13.47
CA ARG A 169 1.89 -7.36 -12.64
C ARG A 169 3.15 -7.46 -13.49
N PHE A 170 3.28 -8.55 -14.23
CA PHE A 170 4.46 -8.74 -15.10
C PHE A 170 4.57 -7.64 -16.16
N LYS A 171 3.48 -7.42 -16.92
N LYS A 171 3.45 -7.39 -16.86
CA LYS A 171 3.50 -6.38 -17.98
CA LYS A 171 3.41 -6.40 -17.97
C LYS A 171 3.98 -5.07 -17.41
C LYS A 171 3.87 -5.04 -17.46
N ARG A 172 3.48 -4.70 -16.22
CA ARG A 172 3.83 -3.37 -15.66
C ARG A 172 5.32 -3.34 -15.35
N ILE A 173 5.85 -4.43 -14.81
CA ILE A 173 7.31 -4.54 -14.60
C ILE A 173 8.03 -4.39 -15.93
N GLN A 174 7.60 -5.11 -16.96
N GLN A 174 7.59 -5.11 -16.96
CA GLN A 174 8.29 -5.06 -18.28
CA GLN A 174 8.26 -5.05 -18.28
C GLN A 174 8.14 -3.65 -18.89
C GLN A 174 8.17 -3.64 -18.85
N ASP A 175 7.00 -3.00 -18.69
CA ASP A 175 6.80 -1.63 -19.21
C ASP A 175 7.79 -0.67 -18.54
N SER A 176 7.94 -0.77 -17.23
CA SER A 176 8.90 0.08 -16.49
C SER A 176 10.33 -0.24 -16.94
N ILE A 177 10.66 -1.52 -17.11
CA ILE A 177 12.04 -1.83 -17.56
C ILE A 177 12.30 -1.15 -18.91
N ALA A 178 11.30 -1.14 -19.80
CA ALA A 178 11.47 -0.65 -21.18
C ALA A 178 11.48 0.88 -21.24
N THR A 179 10.97 1.59 -20.25
CA THR A 179 10.72 3.04 -20.39
C THR A 179 11.22 3.88 -19.22
N ASN A 180 11.45 3.31 -18.05
CA ASN A 180 11.86 4.12 -16.88
C ASN A 180 13.30 3.79 -16.55
N PRO A 181 14.26 4.69 -16.88
CA PRO A 181 15.67 4.41 -16.69
C PRO A 181 16.06 4.30 -15.22
N ASN A 182 15.18 4.76 -14.34
CA ASN A 182 15.42 4.76 -12.87
C ASN A 182 14.56 3.68 -12.21
N PHE A 183 13.95 2.79 -13.00
CA PHE A 183 13.05 1.76 -12.45
C PHE A 183 13.71 1.06 -11.27
N SER A 184 13.04 1.02 -10.11
CA SER A 184 13.55 0.30 -8.93
C SER A 184 12.51 -0.72 -8.47
N PHE A 185 12.92 -1.97 -8.27
CA PHE A 185 12.00 -3.05 -7.86
C PHE A 185 12.69 -3.95 -6.85
N VAL A 186 13.04 -3.41 -5.68
CA VAL A 186 13.81 -4.17 -4.66
C VAL A 186 13.12 -4.10 -3.30
N ASP A 187 13.51 -4.96 -2.37
CA ASP A 187 13.12 -4.95 -0.93
C ASP A 187 11.63 -4.63 -0.76
N PHE A 188 11.31 -3.56 -0.03
CA PHE A 188 9.91 -3.29 0.38
C PHE A 188 9.00 -3.22 -0.84
N ARG A 189 9.37 -2.46 -1.87
CA ARG A 189 8.51 -2.30 -3.08
C ARG A 189 8.31 -3.67 -3.73
N PHE A 190 9.36 -4.46 -3.89
CA PHE A 190 9.26 -5.82 -4.49
C PHE A 190 8.13 -6.60 -3.80
N PHE A 191 8.10 -6.58 -2.47
CA PHE A 191 7.09 -7.38 -1.71
C PHE A 191 5.70 -6.76 -1.88
N THR A 192 5.57 -5.47 -1.61
CA THR A 192 4.24 -4.80 -1.57
C THR A 192 3.61 -4.79 -2.96
N ALA A 193 4.40 -4.64 -4.03
CA ALA A 193 3.85 -4.59 -5.41
C ALA A 193 3.04 -5.86 -5.66
N TYR A 194 3.56 -7.02 -5.28
CA TYR A 194 2.87 -8.31 -5.53
C TYR A 194 1.61 -8.40 -4.66
N GLY A 195 1.73 -8.07 -3.38
CA GLY A 195 0.57 -8.10 -2.47
C GLY A 195 -0.55 -7.18 -2.96
N GLU A 196 -0.20 -6.00 -3.45
CA GLU A 196 -1.21 -5.00 -3.86
C GLU A 196 -2.09 -5.55 -4.99
N THR A 197 -1.53 -6.39 -5.86
CA THR A 197 -2.30 -6.91 -7.03
C THR A 197 -3.37 -7.90 -6.57
N THR A 198 -3.25 -8.48 -5.38
CA THR A 198 -4.30 -9.40 -4.87
C THR A 198 -5.41 -8.60 -4.21
N PHE A 199 -5.11 -7.40 -3.71
CA PHE A 199 -6.09 -6.63 -2.91
C PHE A 199 -7.41 -6.44 -3.65
N PRO A 200 -7.47 -6.03 -4.94
CA PRO A 200 -8.77 -5.86 -5.61
C PRO A 200 -9.60 -7.15 -5.62
N ALA A 201 -8.95 -8.30 -5.85
CA ALA A 201 -9.66 -9.59 -5.94
C ALA A 201 -10.12 -10.04 -4.55
N ASN A 202 -9.42 -9.62 -3.48
CA ASN A 202 -9.74 -10.11 -2.12
C ASN A 202 -10.65 -9.13 -1.36
N LEU A 203 -10.57 -7.83 -1.62
CA LEU A 203 -11.24 -6.83 -0.75
C LEU A 203 -12.20 -5.95 -1.54
N PHE A 204 -12.07 -5.83 -2.86
CA PHE A 204 -12.98 -4.97 -3.66
C PHE A 204 -14.17 -5.78 -4.15
N VAL A 205 -14.17 -7.10 -3.96
CA VAL A 205 -15.28 -7.98 -4.38
C VAL A 205 -16.32 -8.00 -3.27
N ASP A 206 -17.59 -7.78 -3.62
CA ASP A 206 -18.69 -7.78 -2.62
C ASP A 206 -18.59 -9.07 -1.78
N GLY A 207 -18.64 -8.93 -0.45
CA GLY A 207 -18.43 -10.07 0.46
C GLY A 207 -19.51 -11.12 0.40
N ARG A 208 -20.69 -10.82 -0.17
CA ARG A 208 -21.76 -11.83 -0.33
C ARG A 208 -21.36 -12.80 -1.44
N ARG A 209 -20.46 -12.39 -2.33
CA ARG A 209 -19.95 -13.29 -3.39
C ARG A 209 -18.59 -13.83 -2.98
N ASP A 210 -17.63 -12.95 -2.65
CA ASP A 210 -16.25 -13.33 -2.26
C ASP A 210 -15.73 -14.40 -3.23
N ASP A 211 -15.89 -14.20 -4.54
CA ASP A 211 -15.49 -15.22 -5.54
C ASP A 211 -14.15 -14.84 -6.19
N GLY A 212 -13.57 -13.69 -5.81
CA GLY A 212 -12.27 -13.26 -6.36
C GLY A 212 -12.41 -12.69 -7.76
N GLN A 213 -13.64 -12.44 -8.23
CA GLN A 213 -13.86 -11.95 -9.62
C GLN A 213 -14.39 -10.51 -9.52
N LEU A 214 -13.54 -9.53 -9.76
CA LEU A 214 -13.93 -8.10 -9.60
C LEU A 214 -14.46 -7.57 -10.95
N ASP A 215 -15.68 -7.07 -10.99
CA ASP A 215 -16.22 -6.48 -12.25
C ASP A 215 -15.59 -5.12 -12.50
N MET A 216 -15.59 -4.65 -13.76
CA MET A 216 -14.86 -3.42 -14.13
C MET A 216 -15.61 -2.17 -13.68
N ASP A 217 -16.93 -2.25 -13.50
CA ASP A 217 -17.69 -1.09 -12.95
C ASP A 217 -17.21 -0.86 -11.52
N ALA A 218 -17.19 -1.90 -10.69
CA ALA A 218 -16.69 -1.79 -9.31
C ALA A 218 -15.21 -1.37 -9.32
N ALA A 219 -14.38 -1.97 -10.18
CA ALA A 219 -12.96 -1.61 -10.27
C ALA A 219 -12.82 -0.10 -10.50
N ARG A 220 -13.52 0.45 -11.50
CA ARG A 220 -13.41 1.90 -11.81
C ARG A 220 -13.88 2.72 -10.61
N SER A 221 -14.99 2.33 -10.01
CA SER A 221 -15.55 3.07 -8.84
C SER A 221 -14.47 3.23 -7.75
N PHE A 222 -13.76 2.16 -7.42
CA PHE A 222 -12.73 2.22 -6.37
C PHE A 222 -11.47 2.92 -6.87
N PHE A 223 -10.92 2.50 -8.01
CA PHE A 223 -9.60 2.99 -8.48
C PHE A 223 -9.66 4.46 -8.89
N GLN A 224 -10.75 4.91 -9.50
CA GLN A 224 -10.83 6.30 -10.04
C GLN A 224 -11.59 7.21 -9.06
N PHE A 225 -12.76 6.79 -8.58
CA PHE A 225 -13.61 7.72 -7.79
C PHE A 225 -13.53 7.48 -6.29
N SER A 226 -12.67 6.56 -5.82
CA SER A 226 -12.59 6.24 -4.38
C SER A 226 -14.01 6.00 -3.83
N ARG A 227 -14.82 5.24 -4.56
CA ARG A 227 -16.27 5.10 -4.24
C ARG A 227 -16.62 3.62 -4.15
N MET A 228 -17.27 3.22 -3.06
CA MET A 228 -17.80 1.84 -2.93
C MET A 228 -19.01 1.72 -3.85
N PRO A 229 -19.21 0.59 -4.55
CA PRO A 229 -20.45 0.38 -5.28
C PRO A 229 -21.67 0.56 -4.39
N ASP A 230 -22.83 0.92 -4.95
CA ASP A 230 -24.08 1.00 -4.17
C ASP A 230 -24.30 -0.38 -3.50
N ASP A 231 -24.62 -0.39 -2.21
CA ASP A 231 -24.93 -1.62 -1.44
C ASP A 231 -23.68 -2.49 -1.30
N PHE A 232 -22.49 -1.90 -1.29
CA PHE A 232 -21.25 -2.71 -1.17
C PHE A 232 -21.20 -3.39 0.19
N PHE A 233 -21.06 -4.71 0.20
CA PHE A 233 -20.78 -5.47 1.43
C PHE A 233 -19.27 -5.76 1.50
N ARG A 234 -18.67 -5.58 2.67
CA ARG A 234 -17.23 -5.89 2.88
C ARG A 234 -17.03 -7.41 2.84
N ALA A 235 -15.77 -7.85 2.70
CA ALA A 235 -15.40 -9.29 2.71
C ALA A 235 -15.97 -9.99 3.93
N PRO A 236 -16.31 -11.30 3.84
CA PRO A 236 -16.95 -11.99 4.96
C PRO A 236 -16.00 -12.51 6.04
N SER A 237 -14.71 -12.26 5.91
CA SER A 237 -13.67 -12.72 6.86
C SER A 237 -12.43 -11.83 6.72
N PRO A 238 -11.56 -11.72 7.74
CA PRO A 238 -10.34 -10.92 7.62
C PRO A 238 -9.36 -11.53 6.61
N ARG A 239 -8.79 -10.73 5.72
CA ARG A 239 -7.79 -11.21 4.74
C ARG A 239 -6.99 -10.04 4.19
N SER A 240 -5.92 -10.31 3.46
CA SER A 240 -5.12 -9.27 2.77
C SER A 240 -4.57 -9.81 1.46
N GLY A 241 -3.43 -10.50 1.48
CA GLY A 241 -2.72 -10.87 0.25
C GLY A 241 -2.85 -12.32 -0.11
N THR A 242 -3.89 -13.00 0.37
N THR A 242 -3.86 -13.01 0.40
CA THR A 242 -4.07 -14.44 0.04
CA THR A 242 -4.18 -14.42 0.01
C THR A 242 -4.18 -14.56 -1.49
C THR A 242 -4.16 -14.53 -1.51
N GLY A 243 -3.36 -15.45 -2.07
CA GLY A 243 -3.34 -15.64 -3.53
C GLY A 243 -2.14 -14.98 -4.19
N VAL A 244 -1.28 -14.33 -3.40
CA VAL A 244 -0.07 -13.68 -3.94
C VAL A 244 0.81 -14.77 -4.56
N GLU A 245 0.74 -15.99 -4.03
CA GLU A 245 1.54 -17.13 -4.58
C GLU A 245 1.21 -17.31 -6.07
N VAL A 246 -0.06 -17.15 -6.46
CA VAL A 246 -0.52 -17.33 -7.87
C VAL A 246 0.12 -16.23 -8.71
N VAL A 247 0.07 -15.00 -8.23
CA VAL A 247 0.64 -13.83 -8.98
C VAL A 247 2.13 -14.06 -9.22
N VAL A 248 2.88 -14.40 -8.17
CA VAL A 248 4.35 -14.64 -8.30
C VAL A 248 4.59 -15.81 -9.26
N GLN A 249 3.89 -16.94 -9.06
CA GLN A 249 4.11 -18.16 -9.88
C GLN A 249 3.90 -17.86 -11.37
N ALA A 250 2.97 -16.97 -11.70
CA ALA A 250 2.65 -16.62 -13.10
C ALA A 250 3.96 -16.23 -13.80
N HIS A 251 4.75 -15.34 -13.20
CA HIS A 251 6.00 -14.85 -13.83
C HIS A 251 7.05 -14.53 -12.77
N PRO A 252 7.75 -15.53 -12.20
CA PRO A 252 8.70 -15.28 -11.11
C PRO A 252 9.78 -14.28 -11.52
N MET A 253 10.01 -13.25 -10.70
CA MET A 253 10.98 -12.18 -11.00
C MET A 253 12.01 -12.10 -9.87
N GLN A 254 13.24 -11.70 -10.19
CA GLN A 254 14.26 -11.43 -9.16
C GLN A 254 14.20 -9.95 -8.84
N PRO A 255 14.47 -9.51 -7.59
CA PRO A 255 14.54 -8.08 -7.29
C PRO A 255 15.73 -7.43 -8.03
N GLY A 256 15.55 -6.19 -8.48
CA GLY A 256 16.62 -5.51 -9.24
C GLY A 256 16.19 -4.13 -9.66
N ARG A 257 16.95 -3.51 -10.55
CA ARG A 257 16.65 -2.11 -10.94
C ARG A 257 17.24 -1.81 -12.30
N ASN A 258 16.70 -0.83 -13.03
CA ASN A 258 17.40 -0.30 -14.23
C ASN A 258 18.59 0.49 -13.70
N VAL A 259 19.71 0.51 -14.43
CA VAL A 259 20.93 1.18 -13.88
C VAL A 259 21.18 2.52 -14.60
N GLY A 260 20.16 3.37 -14.65
CA GLY A 260 20.32 4.72 -15.22
C GLY A 260 19.97 4.74 -16.69
N LYS A 261 19.64 3.60 -17.27
CA LYS A 261 19.25 3.48 -18.70
C LYS A 261 18.05 2.55 -18.80
N ILE A 262 17.26 2.66 -19.85
CA ILE A 262 16.15 1.70 -20.10
C ILE A 262 16.75 0.35 -20.49
N ASN A 263 15.99 -0.74 -20.32
CA ASN A 263 16.43 -2.10 -20.75
C ASN A 263 17.80 -2.42 -20.15
N SER A 264 17.99 -2.16 -18.85
CA SER A 264 19.27 -2.47 -18.16
C SER A 264 18.97 -3.10 -16.81
N TYR A 265 17.88 -3.86 -16.71
CA TYR A 265 17.44 -4.44 -15.42
C TYR A 265 18.56 -5.30 -14.85
N THR A 266 19.09 -4.92 -13.70
CA THR A 266 20.24 -5.62 -13.08
C THR A 266 19.80 -6.14 -11.73
N VAL A 267 19.92 -7.45 -11.51
CA VAL A 267 19.48 -8.10 -10.24
C VAL A 267 20.32 -7.57 -9.07
N ASP A 268 19.69 -7.28 -7.94
CA ASP A 268 20.38 -6.81 -6.71
C ASP A 268 20.49 -7.99 -5.74
N PRO A 269 21.70 -8.57 -5.53
CA PRO A 269 21.87 -9.68 -4.59
C PRO A 269 21.78 -9.28 -3.12
N THR A 270 21.83 -7.97 -2.84
N THR A 270 21.83 -7.98 -2.82
CA THR A 270 21.72 -7.44 -1.45
CA THR A 270 21.72 -7.47 -1.43
C THR A 270 20.24 -7.26 -1.12
C THR A 270 20.24 -7.19 -1.12
N SER A 271 19.37 -7.26 -2.13
CA SER A 271 17.92 -7.06 -1.91
C SER A 271 17.33 -8.31 -1.28
N SER A 272 16.31 -8.14 -0.45
CA SER A 272 15.51 -9.27 0.06
C SER A 272 14.61 -9.79 -1.06
N ASP A 273 14.16 -11.04 -0.95
CA ASP A 273 13.14 -11.59 -1.90
C ASP A 273 12.21 -12.47 -1.08
N PHE A 274 11.33 -13.22 -1.72
CA PHE A 274 10.33 -14.04 -1.00
C PHE A 274 11.02 -15.16 -0.20
N SER A 275 12.28 -15.47 -0.51
CA SER A 275 13.02 -16.52 0.24
C SER A 275 13.61 -15.92 1.52
N THR A 276 13.66 -14.59 1.65
CA THR A 276 14.23 -13.89 2.83
C THR A 276 13.28 -12.80 3.36
N PRO A 277 12.07 -13.12 3.87
CA PRO A 277 11.16 -12.08 4.33
C PRO A 277 11.62 -11.31 5.58
N CYS A 278 12.36 -11.96 6.48
CA CYS A 278 12.89 -11.27 7.68
C CYS A 278 13.92 -10.23 7.25
N LEU A 279 14.68 -10.50 6.19
CA LEU A 279 15.68 -9.54 5.69
C LEU A 279 14.96 -8.26 5.25
N MET A 280 13.80 -8.39 4.59
N MET A 280 13.79 -8.38 4.60
CA MET A 280 12.99 -7.23 4.15
CA MET A 280 13.00 -7.22 4.15
C MET A 280 12.72 -6.32 5.36
C MET A 280 12.71 -6.32 5.36
N TYR A 281 12.22 -6.91 6.45
CA TYR A 281 11.95 -6.16 7.71
C TYR A 281 13.26 -5.52 8.21
N GLU A 282 14.33 -6.32 8.32
CA GLU A 282 15.60 -5.82 8.92
C GLU A 282 16.14 -4.65 8.10
N LYS A 283 16.12 -4.75 6.77
CA LYS A 283 16.64 -3.67 5.89
C LYS A 283 15.72 -2.45 5.99
N PHE A 284 14.41 -2.66 6.06
CA PHE A 284 13.47 -1.52 6.16
C PHE A 284 13.83 -0.70 7.42
N VAL A 285 14.13 -1.37 8.50
CA VAL A 285 14.41 -0.65 9.78
C VAL A 285 15.84 -0.13 9.79
N ASN A 286 16.82 -0.99 9.53
CA ASN A 286 18.26 -0.64 9.68
C ASN A 286 18.69 0.34 8.59
N ILE A 287 18.07 0.32 7.40
CA ILE A 287 18.50 1.18 6.27
C ILE A 287 17.46 2.26 6.01
N THR A 288 16.23 1.93 5.66
CA THR A 288 15.22 2.94 5.25
C THR A 288 14.91 3.88 6.43
N VAL A 289 14.39 3.36 7.53
CA VAL A 289 13.98 4.21 8.68
C VAL A 289 15.22 4.92 9.23
N LYS A 290 16.32 4.18 9.43
CA LYS A 290 17.55 4.76 10.01
C LYS A 290 18.09 5.89 9.12
N SER A 291 18.01 5.78 7.79
CA SER A 291 18.55 6.85 6.91
C SER A 291 17.70 8.12 7.03
N LEU A 292 16.41 7.98 7.34
CA LEU A 292 15.53 9.16 7.50
C LEU A 292 15.79 9.81 8.87
N TYR A 293 16.13 9.00 9.87
CA TYR A 293 16.37 9.47 11.25
C TYR A 293 17.71 8.96 11.77
N PRO A 294 18.86 9.44 11.24
CA PRO A 294 20.16 8.87 11.63
C PRO A 294 20.57 9.16 13.07
N ASN A 295 20.23 10.34 13.61
CA ASN A 295 20.66 10.78 14.96
C ASN A 295 19.50 11.51 15.64
N PRO A 296 18.39 10.84 15.97
CA PRO A 296 17.20 11.53 16.46
C PRO A 296 17.38 12.15 17.85
N THR A 297 16.70 13.26 18.11
CA THR A 297 16.65 13.86 19.46
C THR A 297 15.79 12.99 20.37
N VAL A 298 15.77 13.27 21.68
CA VAL A 298 15.15 12.42 22.73
C VAL A 298 13.69 12.09 22.37
N GLN A 299 12.88 13.09 22.02
CA GLN A 299 11.42 12.85 21.83
C GLN A 299 11.21 12.05 20.55
N LEU A 300 12.00 12.33 19.51
CA LEU A 300 11.88 11.61 18.21
C LEU A 300 12.31 10.17 18.40
N ARG A 301 13.41 9.92 19.12
CA ARG A 301 13.89 8.55 19.41
C ARG A 301 12.79 7.75 20.10
N LYS A 302 12.18 8.32 21.14
CA LYS A 302 11.08 7.63 21.87
C LYS A 302 9.95 7.27 20.87
N ALA A 303 9.51 8.23 20.07
CA ALA A 303 8.42 8.00 19.08
C ALA A 303 8.83 6.92 18.07
N LEU A 304 10.07 6.99 17.57
CA LEU A 304 10.58 5.95 16.65
C LEU A 304 10.50 4.56 17.30
N ASN A 305 11.06 4.41 18.49
CA ASN A 305 11.11 3.08 19.16
C ASN A 305 9.69 2.57 19.38
N THR A 306 8.76 3.44 19.78
CA THR A 306 7.35 3.03 20.02
C THR A 306 6.76 2.50 18.70
N ASN A 307 6.92 3.25 17.61
CA ASN A 307 6.33 2.86 16.30
C ASN A 307 7.05 1.64 15.72
N LEU A 308 8.34 1.46 16.01
CA LEU A 308 9.10 0.26 15.57
C LEU A 308 8.59 -0.97 16.34
N ASP A 309 8.25 -0.81 17.62
CA ASP A 309 7.65 -1.93 18.39
C ASP A 309 6.31 -2.30 17.74
N PHE A 310 5.51 -1.30 17.40
CA PHE A 310 4.19 -1.54 16.76
C PHE A 310 4.39 -2.22 15.40
N LEU A 311 5.36 -1.76 14.60
CA LEU A 311 5.69 -2.38 13.30
C LEU A 311 5.98 -3.87 13.53
N PHE A 312 6.77 -4.20 14.54
CA PHE A 312 7.18 -5.61 14.78
C PHE A 312 5.97 -6.48 15.09
N GLN A 313 4.92 -5.94 15.70
CA GLN A 313 3.65 -6.69 15.94
C GLN A 313 3.09 -7.22 14.62
N GLY A 314 3.31 -6.50 13.52
CA GLY A 314 2.78 -6.89 12.19
C GLY A 314 3.72 -7.81 11.44
N VAL A 315 4.89 -8.14 12.01
CA VAL A 315 5.91 -8.98 11.32
C VAL A 315 5.57 -10.45 11.61
N ALA A 316 5.57 -11.29 10.58
CA ALA A 316 5.20 -12.73 10.71
C ALA A 316 6.12 -13.41 11.73
N ALA A 317 5.59 -14.39 12.46
CA ALA A 317 6.37 -15.20 13.44
C ALA A 317 7.61 -15.79 12.76
N GLY A 318 8.73 -15.86 13.48
CA GLY A 318 9.99 -16.40 12.95
C GLY A 318 11.06 -15.34 12.83
N CYS A 319 10.72 -14.05 12.84
CA CYS A 319 11.74 -12.98 12.67
C CYS A 319 12.21 -12.50 14.03
N THR A 320 13.42 -11.99 14.10
CA THR A 320 14.00 -11.36 15.31
C THR A 320 13.81 -9.86 15.20
N GLN A 321 13.33 -9.20 16.25
CA GLN A 321 13.21 -7.72 16.28
C GLN A 321 14.61 -7.10 16.26
N VAL A 322 14.81 -6.05 15.45
CA VAL A 322 16.10 -5.30 15.41
C VAL A 322 15.88 -3.97 16.12
N PHE A 323 16.93 -3.39 16.69
CA PHE A 323 16.83 -2.16 17.52
C PHE A 323 17.86 -1.15 17.07
N PRO A 324 17.55 -0.29 16.08
CA PRO A 324 18.53 0.68 15.56
C PRO A 324 18.89 1.80 16.53
N TYR A 325 18.05 2.06 17.54
CA TYR A 325 18.25 3.16 18.53
C TYR A 325 18.43 2.55 19.92
N GLY A 326 18.63 1.24 20.00
CA GLY A 326 18.76 0.53 21.29
C GLY A 326 17.40 0.22 21.89
N ARG A 327 17.39 -0.27 23.13
CA ARG A 327 16.14 -0.69 23.83
C ARG A 327 15.91 0.23 25.04
#